data_7AU8
#
_entry.id   7AU8
#
_cell.length_a   68.996
_cell.length_b   82.871
_cell.length_c   88.735
_cell.angle_alpha   90.000
_cell.angle_beta   90.000
_cell.angle_gamma   90.000
#
_symmetry.space_group_name_H-M   'P 21 21 21'
#
loop_
_entity.id
_entity.type
_entity.pdbx_description
1 polymer 'Peptidoglycan D,D-transpeptidase FtsI'
2 non-polymer '2-(1-hydroxy-6-((2-(4-methyl-3-oxopiperazin-1-yl)-2-oxoethyl)carbamoyl)-1,3-dihydrobenzo[c][1,2]oxaborol-3-yl)acetic acid'
3 water water
#
_entity_poly.entity_id   1
_entity_poly.type   'polypeptide(L)'
_entity_poly.pdbx_seq_one_letter_code
;GPGYQDPARSVRHIAIPAHRGLITDRNGEPLAVSTPVTTLWANPKELMTAKERWPQLAAALGQDTKLFADRIEQNAEREF
IYLVRGLTPEQGEGVIALKVPGVYSIEEFRRFYPAGEVVAHAVGFTDVDDRGREGIELAFDEWLAGVPGKRQVLKDRRGR
VIKDVQVTKNAKPGKTLALSIDLRLQYLAHRELRNALLENGAKAGSLVIMDVKTGEILAMTNQPTYNPNNRRNLQPAAMR
NRAMIDVFEPGSTVKPFSMSAALASGRWKPSDIVDVYPGTLQIGRYTIRDVSRNSRQLDLTGILIKSSNVGISKIAFDIG
AESIYSVMQQVGLGQDTGLGFPGERVGNLPNHRKWPKAETATLAYGYGLSVTAIQLAHAYAALANDGKSVPLSMTRVDRV
PDGVQVISPEVASTVQGMLQQVVEAQGGVFRAQVPGYHAAGKSGTARKVSVGTKGYRENAYRSLFAGFAPATDPRIAMVV
VIDEPSKAGYFGGLVSAPVFSKVMAGALRLMNVPPDNLPTATEQQQVNAAPAKGGRG
;
_entity_poly.pdbx_strand_id   A
#
# COMPACT_ATOMS: atom_id res chain seq x y z
N VAL A 11 -46.69 2.33 14.84
CA VAL A 11 -45.37 2.81 15.38
C VAL A 11 -44.24 2.06 14.68
N ARG A 12 -43.49 2.75 13.81
CA ARG A 12 -42.29 2.23 13.12
C ARG A 12 -41.03 2.82 13.77
N HIS A 13 -39.94 2.05 13.75
CA HIS A 13 -38.58 2.45 14.22
C HIS A 13 -37.71 2.69 12.98
N ILE A 14 -37.29 3.93 12.77
CA ILE A 14 -36.44 4.35 11.60
C ILE A 14 -35.12 4.91 12.11
N ALA A 15 -34.01 4.50 11.49
CA ALA A 15 -32.61 4.70 11.94
C ALA A 15 -32.08 6.06 11.46
N ILE A 16 -31.37 6.76 12.34
CA ILE A 16 -30.69 8.07 12.07
C ILE A 16 -29.22 7.78 11.77
N PRO A 17 -28.75 7.94 10.51
CA PRO A 17 -27.36 7.68 10.16
C PRO A 17 -26.39 8.47 11.05
N ALA A 18 -25.37 7.81 11.57
CA ALA A 18 -24.25 8.45 12.30
C ALA A 18 -23.36 9.19 11.28
N HIS A 19 -22.76 10.30 11.70
CA HIS A 19 -21.74 11.04 10.92
C HIS A 19 -20.43 10.22 10.97
N ARG A 20 -19.99 9.68 9.83
CA ARG A 20 -18.74 8.90 9.67
C ARG A 20 -17.52 9.73 10.09
N GLY A 21 -16.57 9.12 10.81
CA GLY A 21 -15.37 9.78 11.33
C GLY A 21 -14.50 10.38 10.23
N LEU A 22 -13.83 11.49 10.55
CA LEU A 22 -12.89 12.19 9.64
C LEU A 22 -11.60 11.35 9.54
N ILE A 23 -11.12 11.05 8.35
CA ILE A 23 -9.77 10.46 8.16
C ILE A 23 -8.83 11.61 7.83
N THR A 24 -7.75 11.77 8.57
CA THR A 24 -6.71 12.76 8.22
C THR A 24 -5.40 12.03 7.93
N ASP A 25 -4.43 12.75 7.38
CA ASP A 25 -3.02 12.29 7.31
C ASP A 25 -2.45 12.53 8.69
N ARG A 26 -1.17 12.25 8.87
CA ARG A 26 -0.49 12.32 10.18
C ARG A 26 -0.47 13.77 10.70
N ASN A 27 -0.64 14.78 9.84
CA ASN A 27 -0.56 16.22 10.21
C ASN A 27 -1.96 16.84 10.36
N GLY A 28 -3.03 16.05 10.22
CA GLY A 28 -4.42 16.52 10.32
C GLY A 28 -4.96 17.00 8.99
N GLU A 29 -4.27 16.76 7.87
CA GLU A 29 -4.77 17.16 6.53
C GLU A 29 -5.94 16.24 6.18
N PRO A 30 -7.13 16.78 5.87
CA PRO A 30 -8.30 15.94 5.55
C PRO A 30 -8.13 15.03 4.34
N LEU A 31 -8.38 13.74 4.53
CA LEU A 31 -8.28 12.72 3.46
C LEU A 31 -9.65 12.15 3.11
N ALA A 32 -10.58 12.07 4.07
CA ALA A 32 -11.94 11.57 3.83
C ALA A 32 -12.91 12.29 4.78
N VAL A 33 -13.90 12.97 4.22
CA VAL A 33 -14.84 13.87 4.95
C VAL A 33 -16.27 13.49 4.57
N SER A 34 -17.10 13.25 5.58
CA SER A 34 -18.56 13.02 5.44
C SER A 34 -19.25 14.35 5.16
N THR A 35 -19.87 14.46 3.99
CA THR A 35 -20.40 15.68 3.35
C THR A 35 -21.92 15.54 3.29
N PRO A 36 -22.70 16.48 3.87
CA PRO A 36 -24.17 16.52 3.67
C PRO A 36 -24.69 16.32 2.23
N VAL A 37 -25.65 15.41 2.05
CA VAL A 37 -26.45 15.25 0.80
C VAL A 37 -27.93 14.97 1.17
N THR A 38 -28.83 14.99 0.18
CA THR A 38 -30.28 14.69 0.37
C THR A 38 -30.74 13.52 -0.52
N THR A 39 -31.21 12.44 0.11
CA THR A 39 -31.88 11.29 -0.55
C THR A 39 -33.39 11.54 -0.59
N LEU A 40 -33.96 11.63 -1.80
CA LEU A 40 -35.43 11.82 -2.00
C LEU A 40 -36.06 10.44 -2.15
N TRP A 41 -36.91 10.08 -1.21
CA TRP A 41 -37.78 8.89 -1.29
C TRP A 41 -39.19 9.37 -1.68
N ALA A 42 -40.17 8.47 -1.71
CA ALA A 42 -41.57 8.80 -2.00
C ALA A 42 -42.47 7.67 -1.49
N ASN A 43 -43.68 8.01 -1.04
CA ASN A 43 -44.78 7.05 -0.76
C ASN A 43 -45.65 6.94 -2.01
N PRO A 44 -45.39 5.97 -2.92
CA PRO A 44 -46.19 5.79 -4.12
C PRO A 44 -47.68 6.10 -3.94
N LYS A 45 -48.34 5.48 -2.95
CA LYS A 45 -49.79 5.61 -2.68
C LYS A 45 -50.20 7.08 -2.58
N GLU A 46 -49.29 7.95 -2.10
CA GLU A 46 -49.45 9.43 -2.06
C GLU A 46 -49.22 9.99 -3.48
N LEU A 47 -48.06 9.65 -4.08
CA LEU A 47 -47.65 10.01 -5.47
C LEU A 47 -48.76 9.66 -6.47
N MET A 48 -49.33 8.46 -6.36
CA MET A 48 -50.48 7.98 -7.19
C MET A 48 -51.62 9.00 -7.22
N THR A 49 -51.73 9.90 -6.24
CA THR A 49 -52.82 10.89 -6.13
C THR A 49 -52.41 12.21 -6.79
N ALA A 50 -51.19 12.34 -7.34
CA ALA A 50 -50.68 13.59 -7.93
C ALA A 50 -50.01 13.34 -9.30
N LYS A 51 -50.58 12.46 -10.12
CA LYS A 51 -50.02 12.00 -11.42
C LYS A 51 -49.71 13.17 -12.36
N GLU A 52 -50.47 14.26 -12.31
CA GLU A 52 -50.23 15.41 -13.23
C GLU A 52 -48.93 16.12 -12.84
N ARG A 53 -48.40 15.86 -11.64
CA ARG A 53 -47.09 16.43 -11.20
C ARG A 53 -45.94 15.56 -11.72
N TRP A 54 -46.20 14.34 -12.16
CA TRP A 54 -45.11 13.37 -12.38
C TRP A 54 -44.15 13.85 -13.46
N PRO A 55 -44.61 14.32 -14.64
CA PRO A 55 -43.68 14.72 -15.71
C PRO A 55 -42.67 15.78 -15.28
N GLN A 56 -43.09 16.72 -14.43
CA GLN A 56 -42.23 17.77 -13.84
C GLN A 56 -41.24 17.15 -12.83
N LEU A 57 -41.70 16.23 -11.98
CA LEU A 57 -40.83 15.46 -11.07
C LEU A 57 -39.79 14.69 -11.91
N ALA A 58 -40.24 13.82 -12.81
CA ALA A 58 -39.41 13.08 -13.79
C ALA A 58 -38.34 14.01 -14.40
N ALA A 59 -38.77 15.02 -15.15
CA ALA A 59 -37.91 16.01 -15.84
C ALA A 59 -36.83 16.52 -14.89
N ALA A 60 -37.19 16.86 -13.65
CA ALA A 60 -36.25 17.32 -12.60
C ALA A 60 -35.26 16.20 -12.28
N LEU A 61 -35.76 15.02 -11.89
CA LEU A 61 -34.98 13.86 -11.38
C LEU A 61 -34.08 13.24 -12.48
N GLY A 62 -33.96 13.87 -13.65
CA GLY A 62 -33.10 13.36 -14.73
C GLY A 62 -33.75 12.20 -15.47
N GLN A 63 -34.79 11.58 -14.89
CA GLN A 63 -35.50 10.43 -15.51
C GLN A 63 -36.33 10.90 -16.71
N ASP A 64 -36.74 9.94 -17.54
CA ASP A 64 -37.66 10.13 -18.70
C ASP A 64 -39.10 9.88 -18.21
N THR A 65 -40.04 10.66 -18.72
CA THR A 65 -41.44 10.76 -18.23
C THR A 65 -42.06 9.36 -18.10
N LYS A 66 -42.06 8.59 -19.19
CA LYS A 66 -42.78 7.30 -19.24
C LYS A 66 -42.05 6.24 -18.41
N LEU A 67 -40.71 6.25 -18.41
CA LEU A 67 -39.88 5.33 -17.59
C LEU A 67 -40.14 5.60 -16.11
N PHE A 68 -40.17 6.89 -15.73
CA PHE A 68 -40.54 7.35 -14.37
C PHE A 68 -41.98 6.94 -14.02
N ALA A 69 -42.97 7.21 -14.89
CA ALA A 69 -44.39 6.82 -14.67
C ALA A 69 -44.51 5.30 -14.47
N ASP A 70 -43.78 4.54 -15.30
CA ASP A 70 -43.74 3.04 -15.27
C ASP A 70 -43.21 2.57 -13.92
N ARG A 71 -42.19 3.23 -13.37
CA ARG A 71 -41.60 2.80 -12.07
C ARG A 71 -42.66 2.95 -10.98
N ILE A 72 -43.24 4.16 -10.87
CA ILE A 72 -44.21 4.52 -9.79
C ILE A 72 -45.42 3.60 -9.88
N GLU A 73 -45.96 3.33 -11.07
CA GLU A 73 -47.25 2.60 -11.22
C GLU A 73 -47.13 1.20 -10.62
N GLN A 74 -46.09 0.44 -10.99
CA GLN A 74 -45.90 -0.97 -10.55
C GLN A 74 -45.62 -1.01 -9.02
N ASN A 75 -45.06 0.05 -8.46
CA ASN A 75 -44.75 0.13 -7.01
C ASN A 75 -45.88 0.88 -6.28
N ALA A 76 -47.11 0.82 -6.81
CA ALA A 76 -48.30 1.54 -6.29
C ALA A 76 -48.73 0.96 -4.94
N GLU A 77 -48.24 -0.23 -4.59
CA GLU A 77 -48.58 -0.98 -3.35
C GLU A 77 -47.66 -0.52 -2.21
N ARG A 78 -46.36 -0.37 -2.47
CA ARG A 78 -45.32 -0.03 -1.47
C ARG A 78 -45.60 1.37 -0.89
N GLU A 79 -45.56 1.50 0.45
CA GLU A 79 -45.75 2.79 1.18
C GLU A 79 -44.41 3.56 1.24
N PHE A 80 -43.36 3.00 0.64
CA PHE A 80 -42.02 3.62 0.58
C PHE A 80 -41.24 2.99 -0.58
N ILE A 81 -40.45 3.81 -1.26
CA ILE A 81 -39.31 3.45 -2.16
C ILE A 81 -38.46 4.71 -2.30
N TYR A 82 -37.20 4.54 -2.70
CA TYR A 82 -36.27 5.63 -3.04
C TYR A 82 -36.67 6.16 -4.41
N LEU A 83 -36.26 7.38 -4.72
CA LEU A 83 -36.29 7.97 -6.09
C LEU A 83 -34.84 8.11 -6.55
N VAL A 84 -34.07 8.89 -5.79
CA VAL A 84 -32.65 9.24 -6.05
C VAL A 84 -31.94 9.30 -4.69
N ARG A 85 -30.64 8.96 -4.64
CA ARG A 85 -29.82 9.06 -3.40
C ARG A 85 -28.76 10.15 -3.57
N GLY A 86 -28.44 10.84 -2.47
CA GLY A 86 -27.33 11.79 -2.39
C GLY A 86 -27.28 12.77 -3.55
N LEU A 87 -28.38 13.49 -3.80
CA LEU A 87 -28.36 14.80 -4.49
C LEU A 87 -27.72 15.80 -3.54
N THR A 88 -27.22 16.93 -4.06
CA THR A 88 -26.77 18.09 -3.25
C THR A 88 -27.92 18.51 -2.32
N PRO A 89 -27.65 19.28 -1.24
CA PRO A 89 -28.73 19.81 -0.40
C PRO A 89 -29.66 20.80 -1.11
N GLU A 90 -29.13 21.65 -2.01
CA GLU A 90 -29.87 22.78 -2.63
C GLU A 90 -30.39 22.41 -4.03
N GLN A 91 -29.83 21.38 -4.65
CA GLN A 91 -30.29 20.84 -5.97
C GLN A 91 -31.54 19.99 -5.74
N GLY A 92 -31.46 19.08 -4.77
CA GLY A 92 -32.59 18.28 -4.26
C GLY A 92 -33.62 19.14 -3.54
N GLU A 93 -33.34 20.44 -3.39
CA GLU A 93 -34.30 21.44 -2.86
C GLU A 93 -35.12 22.02 -4.02
N GLY A 94 -34.49 22.25 -5.18
CA GLY A 94 -35.15 22.64 -6.44
C GLY A 94 -36.21 21.63 -6.86
N VAL A 95 -36.21 20.44 -6.24
CA VAL A 95 -37.22 19.36 -6.41
C VAL A 95 -38.24 19.43 -5.26
N ILE A 96 -37.79 19.71 -4.03
CA ILE A 96 -38.68 19.93 -2.85
C ILE A 96 -39.47 21.24 -3.07
N ALA A 97 -39.06 22.06 -4.06
CA ALA A 97 -39.68 23.34 -4.46
C ALA A 97 -40.85 23.10 -5.43
N LEU A 98 -40.94 21.90 -6.01
CA LEU A 98 -42.07 21.47 -6.88
C LEU A 98 -43.28 21.16 -5.99
N LYS A 99 -43.03 20.86 -4.70
CA LYS A 99 -44.06 20.57 -3.67
C LYS A 99 -44.99 19.46 -4.19
N VAL A 100 -44.43 18.35 -4.64
CA VAL A 100 -45.20 17.19 -5.16
C VAL A 100 -45.66 16.35 -3.98
N PRO A 101 -46.98 16.11 -3.82
CA PRO A 101 -47.47 15.19 -2.80
C PRO A 101 -46.74 13.83 -2.86
N GLY A 102 -46.36 13.31 -1.69
CA GLY A 102 -45.75 11.98 -1.52
C GLY A 102 -44.25 12.00 -1.72
N VAL A 103 -43.65 13.18 -1.99
CA VAL A 103 -42.18 13.33 -2.17
C VAL A 103 -41.59 13.92 -0.89
N TYR A 104 -41.12 13.05 0.00
CA TYR A 104 -40.40 13.37 1.26
C TYR A 104 -38.90 13.17 1.01
N SER A 105 -38.06 13.55 1.98
CA SER A 105 -36.58 13.59 1.83
C SER A 105 -35.90 13.26 3.16
N ILE A 106 -34.73 12.60 3.09
CA ILE A 106 -33.80 12.34 4.22
C ILE A 106 -32.51 13.13 3.95
N GLU A 107 -31.95 13.79 4.97
CA GLU A 107 -30.57 14.35 4.94
C GLU A 107 -29.61 13.20 5.29
N GLU A 108 -28.53 13.05 4.52
CA GLU A 108 -27.58 11.89 4.58
C GLU A 108 -26.15 12.39 4.43
N PHE A 109 -25.15 11.54 4.66
CA PHE A 109 -23.71 11.85 4.45
C PHE A 109 -23.16 11.01 3.30
N ARG A 110 -22.32 11.64 2.48
CA ARG A 110 -21.47 10.99 1.46
C ARG A 110 -20.03 11.40 1.74
N ARG A 111 -19.07 10.53 1.40
CA ARG A 111 -17.63 10.84 1.57
C ARG A 111 -17.18 11.75 0.44
N PHE A 112 -16.32 12.71 0.78
CA PHE A 112 -15.47 13.42 -0.19
C PHE A 112 -14.00 13.13 0.18
N TYR A 113 -13.16 12.97 -0.83
CA TYR A 113 -11.70 12.62 -0.75
C TYR A 113 -10.89 13.79 -1.29
N PRO A 114 -10.53 14.80 -0.48
CA PRO A 114 -9.89 16.02 -0.97
C PRO A 114 -8.62 15.78 -1.82
N ALA A 115 -7.87 14.69 -1.59
CA ALA A 115 -6.58 14.43 -2.27
C ALA A 115 -6.77 13.45 -3.43
N GLY A 116 -7.98 12.92 -3.57
CA GLY A 116 -8.44 12.14 -4.72
C GLY A 116 -7.53 10.96 -5.01
N GLU A 117 -7.06 10.89 -6.26
CA GLU A 117 -6.28 9.74 -6.81
C GLU A 117 -4.92 9.61 -6.10
N VAL A 118 -4.40 10.70 -5.55
CA VAL A 118 -3.06 10.76 -4.89
C VAL A 118 -2.96 9.71 -3.77
N VAL A 119 -4.05 9.47 -3.03
CA VAL A 119 -4.03 8.53 -1.88
C VAL A 119 -5.23 7.55 -1.95
N ALA A 120 -5.67 7.22 -3.17
CA ALA A 120 -6.86 6.39 -3.45
C ALA A 120 -6.78 5.04 -2.73
N HIS A 121 -5.71 4.28 -2.94
CA HIS A 121 -5.61 2.87 -2.47
C HIS A 121 -5.53 2.83 -0.94
N ALA A 122 -4.71 3.71 -0.36
CA ALA A 122 -4.45 3.77 1.10
C ALA A 122 -5.75 4.15 1.82
N VAL A 123 -6.47 5.17 1.34
CA VAL A 123 -7.70 5.63 2.02
C VAL A 123 -8.85 4.68 1.65
N GLY A 124 -8.93 4.29 0.37
CA GLY A 124 -10.05 3.55 -0.20
C GLY A 124 -11.30 4.43 -0.32
N PHE A 125 -12.48 3.83 -0.16
CA PHE A 125 -13.78 4.50 -0.39
C PHE A 125 -14.90 3.68 0.27
N THR A 126 -16.08 4.31 0.35
CA THR A 126 -17.33 3.79 0.96
C THR A 126 -18.28 3.33 -0.16
N ASP A 127 -19.15 2.37 0.14
CA ASP A 127 -20.22 1.93 -0.81
C ASP A 127 -21.38 2.95 -0.75
N VAL A 128 -22.50 2.65 -1.43
CA VAL A 128 -23.73 3.49 -1.50
C VAL A 128 -24.37 3.66 -0.11
N ASP A 129 -24.20 2.66 0.77
CA ASP A 129 -24.69 2.68 2.18
C ASP A 129 -23.73 3.42 3.13
N ASP A 130 -22.63 3.98 2.60
CA ASP A 130 -21.60 4.73 3.37
C ASP A 130 -20.76 3.77 4.23
N ARG A 131 -20.67 2.50 3.84
CA ARG A 131 -19.84 1.48 4.53
C ARG A 131 -18.52 1.37 3.78
N GLY A 132 -17.41 1.21 4.50
CA GLY A 132 -16.07 1.01 3.92
C GLY A 132 -16.04 -0.16 2.94
N ARG A 133 -15.56 0.05 1.72
CA ARG A 133 -15.44 -1.03 0.71
C ARG A 133 -14.00 -1.35 0.31
N GLU A 134 -13.06 -0.42 0.51
CA GLU A 134 -11.61 -0.59 0.20
C GLU A 134 -10.78 0.19 1.23
N GLY A 135 -9.47 -0.08 1.26
CA GLY A 135 -8.47 0.69 2.00
C GLY A 135 -8.82 0.82 3.45
N ILE A 136 -8.45 1.94 4.06
CA ILE A 136 -8.68 2.25 5.50
C ILE A 136 -10.17 2.32 5.79
N GLU A 137 -10.98 2.80 4.83
CA GLU A 137 -12.45 2.95 5.02
C GLU A 137 -13.02 1.60 5.46
N LEU A 138 -12.62 0.52 4.78
CA LEU A 138 -12.92 -0.89 5.15
C LEU A 138 -12.21 -1.28 6.46
N ALA A 139 -10.87 -1.26 6.51
CA ALA A 139 -10.06 -1.74 7.65
C ALA A 139 -10.50 -1.11 8.97
N PHE A 140 -10.85 0.17 9.02
CA PHE A 140 -11.30 0.79 10.28
C PHE A 140 -12.78 1.17 10.18
N ASP A 141 -13.56 0.37 9.45
CA ASP A 141 -15.01 0.65 9.20
C ASP A 141 -15.71 0.86 10.54
N GLU A 142 -15.41 0.03 11.54
CA GLU A 142 -16.14 0.03 12.83
C GLU A 142 -15.87 1.37 13.54
N TRP A 143 -14.59 1.73 13.66
CA TRP A 143 -14.10 2.97 14.32
C TRP A 143 -14.68 4.23 13.67
N LEU A 144 -14.77 4.24 12.34
CA LEU A 144 -15.21 5.40 11.52
C LEU A 144 -16.75 5.48 11.47
N ALA A 145 -17.46 4.34 11.43
CA ALA A 145 -18.91 4.27 11.13
C ALA A 145 -19.74 4.88 12.27
N GLY A 146 -19.27 4.82 13.52
CA GLY A 146 -20.09 5.14 14.70
C GLY A 146 -21.25 4.15 14.84
N VAL A 147 -22.29 4.51 15.60
CA VAL A 147 -23.51 3.65 15.74
C VAL A 147 -24.71 4.52 15.43
N PRO A 148 -25.52 4.19 14.39
CA PRO A 148 -26.69 5.01 14.04
C PRO A 148 -27.70 5.01 15.19
N GLY A 149 -28.50 6.08 15.28
CA GLY A 149 -29.60 6.22 16.26
C GLY A 149 -30.92 5.79 15.65
N LYS A 150 -31.99 5.70 16.44
CA LYS A 150 -33.35 5.39 15.94
C LYS A 150 -34.38 6.19 16.74
N ARG A 151 -35.60 6.23 16.22
CA ARG A 151 -36.72 6.96 16.84
C ARG A 151 -38.04 6.32 16.38
N GLN A 152 -39.00 6.21 17.31
CA GLN A 152 -40.39 5.74 17.06
C GLN A 152 -41.14 6.85 16.32
N VAL A 153 -41.86 6.50 15.25
CA VAL A 153 -42.64 7.43 14.38
C VAL A 153 -43.97 6.75 14.02
N LEU A 154 -45.07 7.51 14.03
CA LEU A 154 -46.44 7.03 13.66
C LEU A 154 -46.63 7.17 12.15
N LYS A 155 -47.34 6.21 11.52
CA LYS A 155 -47.67 6.18 10.07
C LYS A 155 -49.06 5.57 9.88
N ILE A 162 -46.01 11.39 10.40
CA ILE A 162 -47.22 11.83 11.15
C ILE A 162 -46.77 12.61 12.40
N LYS A 163 -45.91 12.01 13.22
CA LYS A 163 -45.19 12.69 14.34
C LYS A 163 -44.03 11.82 14.82
N ASP A 164 -42.90 12.44 15.17
CA ASP A 164 -41.72 11.77 15.80
C ASP A 164 -42.02 11.59 17.28
N VAL A 165 -42.38 10.37 17.69
CA VAL A 165 -42.86 10.03 19.07
C VAL A 165 -41.74 10.38 20.06
N GLN A 166 -40.52 9.89 19.80
CA GLN A 166 -39.33 10.13 20.64
C GLN A 166 -38.09 9.60 19.91
N VAL A 167 -36.91 10.15 20.22
CA VAL A 167 -35.60 9.52 19.90
C VAL A 167 -35.36 8.44 20.98
N THR A 168 -35.60 7.16 20.63
CA THR A 168 -35.42 5.98 21.52
C THR A 168 -33.94 5.61 21.60
N LYS A 169 -33.10 6.12 20.69
CA LYS A 169 -31.62 5.93 20.69
C LYS A 169 -30.95 7.12 19.99
N ASN A 170 -29.81 7.57 20.53
CA ASN A 170 -29.04 8.73 20.00
C ASN A 170 -27.98 8.21 19.01
N ALA A 171 -27.99 8.78 17.80
CA ALA A 171 -26.98 8.54 16.74
C ALA A 171 -25.65 9.17 17.17
N LYS A 172 -24.69 8.35 17.59
CA LYS A 172 -23.32 8.77 18.00
C LYS A 172 -22.40 8.79 16.78
N PRO A 173 -21.59 9.86 16.57
CA PRO A 173 -20.79 10.00 15.36
C PRO A 173 -19.56 9.08 15.39
N GLY A 174 -19.08 8.65 14.21
CA GLY A 174 -17.82 7.90 14.05
C GLY A 174 -16.65 8.69 14.61
N LYS A 175 -15.52 8.03 14.87
CA LYS A 175 -14.34 8.67 15.51
C LYS A 175 -13.31 9.05 14.44
N THR A 176 -12.57 10.13 14.70
CA THR A 176 -11.51 10.66 13.82
C THR A 176 -10.35 9.66 13.80
N LEU A 177 -9.75 9.45 12.63
CA LEU A 177 -8.58 8.56 12.43
C LEU A 177 -7.47 9.32 11.69
N ALA A 178 -6.30 9.44 12.32
CA ALA A 178 -5.08 10.05 11.76
C ALA A 178 -4.19 8.91 11.21
N LEU A 179 -4.04 8.85 9.89
CA LEU A 179 -3.19 7.83 9.25
C LEU A 179 -1.73 8.15 9.56
N SER A 180 -0.88 7.16 9.32
CA SER A 180 0.59 7.30 9.33
C SER A 180 1.03 8.13 8.10
N ILE A 181 0.25 8.15 7.03
CA ILE A 181 0.59 8.82 5.75
C ILE A 181 0.93 10.30 6.01
N ASP A 182 2.06 10.77 5.46
CA ASP A 182 2.37 12.21 5.32
C ASP A 182 1.97 12.61 3.91
N LEU A 183 0.89 13.39 3.75
CA LEU A 183 0.33 13.72 2.41
C LEU A 183 1.42 14.38 1.56
N ARG A 184 2.34 15.14 2.14
CA ARG A 184 3.46 15.80 1.39
C ARG A 184 4.35 14.72 0.75
N LEU A 185 4.73 13.65 1.48
CA LEU A 185 5.54 12.53 0.92
C LEU A 185 4.68 11.73 -0.05
N GLN A 186 3.37 11.58 0.24
CA GLN A 186 2.44 10.83 -0.64
C GLN A 186 2.37 11.53 -2.02
N TYR A 187 2.29 12.87 -2.09
CA TYR A 187 2.25 13.64 -3.38
C TYR A 187 3.58 13.46 -4.14
N LEU A 188 4.70 13.59 -3.44
CA LEU A 188 6.05 13.35 -4.00
C LEU A 188 6.12 11.92 -4.56
N ALA A 189 5.74 10.90 -3.78
CA ALA A 189 5.83 9.49 -4.23
C ALA A 189 4.90 9.32 -5.42
N HIS A 190 3.66 9.79 -5.35
CA HIS A 190 2.66 9.62 -6.44
C HIS A 190 3.23 10.20 -7.75
N ARG A 191 3.80 11.40 -7.70
CA ARG A 191 4.28 12.17 -8.89
C ARG A 191 5.52 11.49 -9.49
N GLU A 192 6.48 11.13 -8.64
CA GLU A 192 7.77 10.57 -9.10
C GLU A 192 7.54 9.17 -9.68
N LEU A 193 6.62 8.39 -9.12
CA LEU A 193 6.30 7.04 -9.64
C LEU A 193 5.61 7.18 -10.99
N ARG A 194 4.61 8.07 -11.06
CA ARG A 194 3.81 8.36 -12.30
C ARG A 194 4.79 8.74 -13.42
N ASN A 195 5.76 9.61 -13.15
CA ASN A 195 6.78 10.08 -14.14
C ASN A 195 7.69 8.92 -14.58
N ALA A 196 8.05 8.02 -13.66
CA ALA A 196 8.95 6.87 -13.92
C ALA A 196 8.23 5.83 -14.78
N LEU A 197 6.91 5.70 -14.61
CA LEU A 197 6.12 4.70 -15.37
C LEU A 197 6.04 5.12 -16.85
N LEU A 198 5.99 6.42 -17.12
CA LEU A 198 5.82 6.97 -18.50
C LEU A 198 7.20 7.04 -19.19
N GLU A 199 8.28 7.30 -18.44
CA GLU A 199 9.67 7.30 -18.97
C GLU A 199 10.13 5.88 -19.35
N ASN A 200 9.62 4.84 -18.66
CA ASN A 200 9.98 3.41 -18.91
C ASN A 200 8.81 2.70 -19.59
N GLY A 201 7.79 3.44 -20.03
CA GLY A 201 6.56 2.85 -20.58
C GLY A 201 6.17 1.60 -19.84
N ALA A 202 6.03 1.68 -18.50
CA ALA A 202 5.70 0.50 -17.65
C ALA A 202 4.18 0.39 -17.48
N LYS A 203 3.69 -0.82 -17.19
CA LYS A 203 2.25 -1.10 -16.99
C LYS A 203 1.78 -0.48 -15.66
N ALA A 204 2.52 -0.73 -14.60
CA ALA A 204 2.07 -0.53 -13.21
C ALA A 204 3.28 -0.35 -12.31
N GLY A 205 3.05 0.02 -11.05
CA GLY A 205 4.17 0.22 -10.11
C GLY A 205 3.65 0.44 -8.71
N SER A 206 4.56 0.36 -7.74
CA SER A 206 4.30 0.60 -6.29
C SER A 206 5.47 1.40 -5.73
N LEU A 207 5.21 2.24 -4.75
CA LEU A 207 6.29 2.83 -3.93
C LEU A 207 5.78 2.91 -2.50
N VAL A 208 6.56 2.34 -1.59
CA VAL A 208 6.28 2.37 -0.12
C VAL A 208 7.41 3.11 0.57
N ILE A 209 7.06 4.02 1.46
CA ILE A 209 8.01 4.72 2.34
C ILE A 209 7.59 4.40 3.78
N MET A 210 8.57 4.02 4.60
CA MET A 210 8.34 3.64 6.01
C MET A 210 9.27 4.42 6.92
N ASP A 211 8.79 4.77 8.11
CA ASP A 211 9.65 5.28 9.20
C ASP A 211 10.27 4.06 9.87
N VAL A 212 11.61 3.93 9.90
CA VAL A 212 12.27 2.66 10.32
C VAL A 212 12.17 2.51 11.86
N LYS A 213 12.00 3.64 12.55
CA LYS A 213 11.93 3.76 14.03
C LYS A 213 10.53 3.41 14.54
N THR A 214 9.47 3.74 13.79
CA THR A 214 8.08 3.75 14.31
C THR A 214 7.16 2.70 13.68
N GLY A 215 7.59 2.04 12.59
CA GLY A 215 6.80 1.13 11.75
C GLY A 215 5.75 1.84 10.91
N GLU A 216 5.72 3.18 10.90
CA GLU A 216 4.68 3.97 10.19
C GLU A 216 4.89 3.93 8.68
N ILE A 217 3.83 3.70 7.92
CA ILE A 217 3.87 3.80 6.43
C ILE A 217 3.62 5.27 6.11
N LEU A 218 4.67 6.00 5.75
CA LEU A 218 4.63 7.45 5.47
C LEU A 218 4.00 7.70 4.09
N ALA A 219 4.19 6.79 3.13
CA ALA A 219 3.60 6.85 1.77
C ALA A 219 3.39 5.43 1.23
N MET A 220 2.27 5.26 0.54
CA MET A 220 1.94 4.05 -0.26
C MET A 220 1.18 4.54 -1.48
N THR A 221 1.84 4.54 -2.65
CA THR A 221 1.23 4.91 -3.94
C THR A 221 1.31 3.69 -4.86
N ASN A 222 0.23 3.45 -5.61
CA ASN A 222 0.20 2.47 -6.72
C ASN A 222 -0.21 3.22 -8.00
N GLN A 223 0.37 2.84 -9.13
CA GLN A 223 -0.04 3.28 -10.49
C GLN A 223 -0.41 2.00 -11.24
N PRO A 224 -1.53 1.96 -11.99
CA PRO A 224 -2.42 3.10 -12.16
C PRO A 224 -3.26 3.38 -10.90
N THR A 225 -3.78 4.60 -10.84
CA THR A 225 -4.66 5.05 -9.73
C THR A 225 -5.99 5.49 -10.33
N TYR A 226 -6.86 6.01 -9.48
CA TYR A 226 -8.25 6.38 -9.85
C TYR A 226 -8.66 7.50 -8.92
N ASN A 227 -9.69 8.22 -9.33
CA ASN A 227 -10.35 9.23 -8.49
C ASN A 227 -11.50 8.55 -7.76
N PRO A 228 -11.41 8.34 -6.42
CA PRO A 228 -12.51 7.76 -5.66
C PRO A 228 -13.73 8.70 -5.54
N ASN A 229 -13.61 9.96 -5.97
CA ASN A 229 -14.76 10.90 -6.03
C ASN A 229 -15.56 10.66 -7.31
N ASN A 230 -14.99 9.94 -8.27
CA ASN A 230 -15.72 9.59 -9.51
C ASN A 230 -15.31 8.20 -9.98
N ARG A 231 -16.02 7.16 -9.52
CA ARG A 231 -15.70 5.75 -9.84
C ARG A 231 -16.60 5.22 -10.96
N ARG A 232 -17.13 6.11 -11.82
CA ARG A 232 -18.12 5.75 -12.88
C ARG A 232 -17.49 4.71 -13.81
N ASN A 233 -16.34 5.04 -14.41
CA ASN A 233 -15.64 4.19 -15.42
C ASN A 233 -14.40 3.56 -14.76
N LEU A 234 -14.58 2.94 -13.60
CA LEU A 234 -13.47 2.46 -12.74
C LEU A 234 -13.02 1.07 -13.24
N GLN A 235 -11.84 1.02 -13.86
CA GLN A 235 -11.20 -0.24 -14.32
C GLN A 235 -10.62 -0.96 -13.10
N PRO A 236 -10.86 -2.29 -12.97
CA PRO A 236 -10.34 -3.07 -11.84
C PRO A 236 -8.81 -3.00 -11.66
N ALA A 237 -8.06 -2.80 -12.74
CA ALA A 237 -6.59 -2.61 -12.74
C ALA A 237 -6.20 -1.34 -11.96
N ALA A 238 -7.00 -0.28 -12.04
CA ALA A 238 -6.74 1.02 -11.38
C ALA A 238 -7.00 0.86 -9.88
N MET A 239 -7.91 -0.04 -9.53
CA MET A 239 -8.41 -0.23 -8.15
C MET A 239 -7.43 -1.09 -7.32
N ARG A 240 -6.56 -1.84 -7.98
CA ARG A 240 -5.69 -2.89 -7.38
C ARG A 240 -4.67 -2.21 -6.46
N ASN A 241 -4.72 -2.52 -5.16
CA ASN A 241 -3.74 -2.00 -4.16
C ASN A 241 -2.47 -2.88 -4.24
N ARG A 242 -1.61 -2.59 -5.22
CA ARG A 242 -0.53 -3.50 -5.66
C ARG A 242 0.50 -3.71 -4.53
N ALA A 243 0.86 -2.66 -3.79
CA ALA A 243 1.83 -2.66 -2.67
C ALA A 243 1.51 -3.77 -1.68
N MET A 244 0.23 -4.09 -1.46
CA MET A 244 -0.24 -5.02 -0.42
CA MET A 244 -0.23 -5.03 -0.41
C MET A 244 -0.78 -6.32 -1.02
N ILE A 245 -0.94 -6.39 -2.34
CA ILE A 245 -1.64 -7.55 -2.98
C ILE A 245 -0.70 -8.32 -3.91
N ASP A 246 0.14 -7.63 -4.67
CA ASP A 246 1.04 -8.25 -5.69
C ASP A 246 2.14 -8.99 -4.93
N VAL A 247 2.31 -10.28 -5.23
CA VAL A 247 3.41 -11.11 -4.65
C VAL A 247 4.39 -11.37 -5.78
N PHE A 248 5.67 -11.38 -5.45
CA PHE A 248 6.77 -11.57 -6.39
C PHE A 248 7.95 -12.17 -5.63
N GLU A 249 8.81 -12.85 -6.38
CA GLU A 249 10.13 -13.38 -5.95
C GLU A 249 11.05 -12.18 -5.82
N PRO A 250 11.57 -11.87 -4.60
CA PRO A 250 12.22 -10.59 -4.36
C PRO A 250 13.65 -10.56 -4.90
N GLY A 251 14.14 -11.71 -5.37
CA GLY A 251 15.47 -11.81 -6.00
C GLY A 251 16.54 -11.18 -5.14
N SER A 252 17.46 -10.47 -5.78
CA SER A 252 18.68 -9.92 -5.13
C SER A 252 18.36 -9.01 -3.94
N THR A 253 17.14 -8.47 -3.84
CA THR A 253 16.77 -7.58 -2.71
C THR A 253 16.72 -8.32 -1.36
N VAL A 254 16.68 -9.65 -1.31
CA VAL A 254 16.74 -10.34 0.01
C VAL A 254 18.15 -10.89 0.28
N LYS A 255 19.12 -10.71 -0.60
CA LYS A 255 20.53 -11.10 -0.33
C LYS A 255 21.08 -10.42 0.93
N PRO A 256 20.66 -9.19 1.31
CA PRO A 256 21.14 -8.61 2.57
C PRO A 256 20.74 -9.44 3.79
N PHE A 257 19.64 -10.19 3.71
CA PHE A 257 19.18 -11.06 4.82
C PHE A 257 20.00 -12.35 4.82
N SER A 258 20.34 -12.87 3.66
CA SER A 258 21.24 -14.04 3.52
C SER A 258 22.59 -13.69 4.16
N MET A 259 23.07 -12.48 3.90
CA MET A 259 24.36 -11.94 4.38
C MET A 259 24.28 -11.73 5.89
N SER A 260 23.15 -11.24 6.40
CA SER A 260 22.90 -11.08 7.86
C SER A 260 23.09 -12.43 8.55
N ALA A 261 22.54 -13.49 7.97
CA ALA A 261 22.67 -14.87 8.50
C ALA A 261 24.15 -15.29 8.44
N ALA A 262 24.84 -14.97 7.35
CA ALA A 262 26.27 -15.34 7.17
C ALA A 262 27.12 -14.65 8.24
N LEU A 263 26.87 -13.37 8.50
CA LEU A 263 27.66 -12.59 9.50
C LEU A 263 27.31 -12.98 10.94
N ALA A 264 26.14 -13.58 11.18
CA ALA A 264 25.68 -14.02 12.52
C ALA A 264 26.16 -15.45 12.79
N SER A 265 26.64 -16.16 11.79
CA SER A 265 27.00 -17.60 11.89
C SER A 265 28.32 -17.76 12.68
N GLY A 266 29.15 -16.71 12.71
CA GLY A 266 30.52 -16.77 13.23
C GLY A 266 31.53 -17.29 12.23
N ARG A 267 31.12 -17.59 10.99
CA ARG A 267 31.98 -18.22 9.96
C ARG A 267 32.32 -17.21 8.85
N TRP A 268 31.78 -16.00 8.86
CA TRP A 268 31.95 -15.04 7.74
C TRP A 268 32.20 -13.63 8.27
N LYS A 269 33.13 -12.92 7.63
CA LYS A 269 33.34 -11.47 7.82
C LYS A 269 33.35 -10.80 6.46
N PRO A 270 33.10 -9.47 6.39
CA PRO A 270 33.00 -8.74 5.12
C PRO A 270 34.23 -8.84 4.21
N SER A 271 35.44 -8.90 4.76
CA SER A 271 36.68 -9.00 3.96
C SER A 271 36.93 -10.46 3.52
N ASP A 272 36.12 -11.44 3.92
CA ASP A 272 36.28 -12.81 3.42
C ASP A 272 36.02 -12.81 1.91
N ILE A 273 36.65 -13.73 1.22
CA ILE A 273 36.65 -13.83 -0.26
C ILE A 273 35.92 -15.12 -0.64
N VAL A 274 35.16 -15.09 -1.74
CA VAL A 274 34.56 -16.29 -2.38
C VAL A 274 35.01 -16.27 -3.85
N ASP A 275 35.44 -17.42 -4.35
CA ASP A 275 35.81 -17.59 -5.77
C ASP A 275 34.53 -17.98 -6.52
N VAL A 276 34.06 -17.10 -7.39
CA VAL A 276 32.79 -17.31 -8.14
C VAL A 276 33.13 -17.66 -9.60
N TYR A 277 34.41 -17.88 -9.91
CA TYR A 277 34.80 -18.28 -11.30
C TYR A 277 34.22 -19.67 -11.56
N PRO A 278 33.68 -19.99 -12.76
CA PRO A 278 33.60 -19.06 -13.88
C PRO A 278 32.24 -18.37 -14.07
N GLY A 279 31.54 -17.99 -12.98
CA GLY A 279 30.20 -17.40 -13.07
C GLY A 279 29.12 -18.45 -13.11
N THR A 280 29.47 -19.72 -12.89
CA THR A 280 28.51 -20.84 -12.92
C THR A 280 28.91 -21.80 -11.81
N LEU A 281 27.94 -22.52 -11.29
CA LEU A 281 28.17 -23.56 -10.29
C LEU A 281 27.18 -24.69 -10.52
N GLN A 282 27.71 -25.85 -10.86
CA GLN A 282 26.92 -27.07 -11.09
C GLN A 282 26.59 -27.62 -9.70
N ILE A 283 25.31 -27.84 -9.39
CA ILE A 283 24.94 -28.61 -8.17
C ILE A 283 24.08 -29.81 -8.59
N GLY A 284 24.76 -30.94 -8.78
CA GLY A 284 24.22 -32.15 -9.42
C GLY A 284 23.81 -31.86 -10.85
N ARG A 285 22.50 -31.89 -11.10
CA ARG A 285 21.87 -31.72 -12.43
C ARG A 285 21.68 -30.22 -12.70
N TYR A 286 21.31 -29.44 -11.69
CA TYR A 286 21.07 -27.98 -11.82
C TYR A 286 22.43 -27.25 -11.84
N THR A 287 22.52 -26.18 -12.65
CA THR A 287 23.67 -25.25 -12.73
C THR A 287 23.23 -23.86 -12.25
N ILE A 288 23.86 -23.30 -11.23
CA ILE A 288 23.62 -21.86 -10.84
C ILE A 288 24.45 -20.96 -11.77
N ARG A 289 23.87 -19.87 -12.25
CA ARG A 289 24.46 -19.03 -13.32
C ARG A 289 24.29 -17.55 -12.93
N ASP A 290 25.39 -16.82 -12.87
CA ASP A 290 25.40 -15.39 -12.49
C ASP A 290 25.00 -14.53 -13.68
N VAL A 291 24.31 -13.44 -13.38
CA VAL A 291 23.92 -12.36 -14.33
C VAL A 291 25.17 -11.77 -14.98
N SER A 292 26.27 -11.54 -14.24
CA SER A 292 27.56 -11.10 -14.82
C SER A 292 28.64 -12.12 -14.44
N ARG A 293 29.52 -12.51 -15.39
CA ARG A 293 30.40 -13.70 -15.25
C ARG A 293 31.85 -13.31 -15.61
N ASN A 294 32.33 -12.21 -15.01
CA ASN A 294 33.63 -11.55 -15.29
C ASN A 294 34.46 -11.49 -14.00
N SER A 295 34.17 -12.37 -13.02
CA SER A 295 34.79 -12.36 -11.67
C SER A 295 35.39 -13.72 -11.30
N ARG A 296 36.44 -13.68 -10.47
CA ARG A 296 36.95 -14.84 -9.70
C ARG A 296 36.72 -14.53 -8.22
N GLN A 297 37.74 -14.03 -7.52
CA GLN A 297 37.62 -13.65 -6.09
C GLN A 297 36.77 -12.38 -5.94
N LEU A 298 35.78 -12.43 -5.07
CA LEU A 298 34.92 -11.30 -4.64
C LEU A 298 34.85 -11.33 -3.11
N ASP A 299 34.94 -10.16 -2.48
CA ASP A 299 34.65 -10.04 -1.03
C ASP A 299 33.11 -10.02 -0.87
N LEU A 300 32.63 -10.02 0.36
CA LEU A 300 31.18 -10.18 0.60
C LEU A 300 30.45 -8.98 0.02
N THR A 301 31.02 -7.78 0.10
CA THR A 301 30.40 -6.55 -0.46
C THR A 301 30.29 -6.74 -1.98
N GLY A 302 31.35 -7.25 -2.58
CA GLY A 302 31.47 -7.52 -4.03
C GLY A 302 30.40 -8.49 -4.49
N ILE A 303 30.11 -9.50 -3.68
CA ILE A 303 29.07 -10.51 -4.01
C ILE A 303 27.75 -9.74 -4.11
N LEU A 304 27.50 -8.78 -3.22
CA LEU A 304 26.26 -7.95 -3.26
C LEU A 304 26.29 -7.01 -4.49
N ILE A 305 27.38 -6.30 -4.74
CA ILE A 305 27.47 -5.30 -5.85
C ILE A 305 27.23 -6.05 -7.18
N LYS A 306 27.86 -7.20 -7.36
CA LYS A 306 27.75 -8.02 -8.60
C LYS A 306 26.45 -8.80 -8.63
N SER A 307 25.75 -8.90 -7.49
CA SER A 307 24.57 -9.79 -7.33
C SER A 307 24.88 -11.20 -7.85
N SER A 308 26.06 -11.72 -7.49
CA SER A 308 26.52 -13.11 -7.80
C SER A 308 25.68 -14.14 -7.02
N ASN A 309 24.83 -14.90 -7.74
CA ASN A 309 24.03 -16.02 -7.20
C ASN A 309 24.98 -17.15 -6.78
N VAL A 310 26.05 -17.38 -7.54
CA VAL A 310 27.13 -18.34 -7.19
C VAL A 310 27.73 -17.94 -5.82
N GLY A 311 28.12 -16.67 -5.67
CA GLY A 311 28.76 -16.17 -4.44
C GLY A 311 27.88 -16.42 -3.22
N ILE A 312 26.61 -16.01 -3.28
CA ILE A 312 25.68 -16.11 -2.11
C ILE A 312 25.28 -17.58 -1.92
N SER A 313 25.26 -18.38 -2.97
CA SER A 313 24.99 -19.84 -2.89
C SER A 313 26.07 -20.58 -2.08
N LYS A 314 27.35 -20.33 -2.36
CA LYS A 314 28.50 -20.95 -1.65
C LYS A 314 28.45 -20.56 -0.16
N ILE A 315 28.16 -19.30 0.12
CA ILE A 315 28.00 -18.84 1.54
C ILE A 315 26.83 -19.60 2.18
N ALA A 316 25.68 -19.72 1.48
CA ALA A 316 24.48 -20.42 1.99
C ALA A 316 24.77 -21.92 2.24
N PHE A 317 25.48 -22.60 1.37
CA PHE A 317 25.89 -24.02 1.60
C PHE A 317 26.75 -24.10 2.85
N ASP A 318 27.61 -23.11 3.11
CA ASP A 318 28.53 -23.13 4.27
C ASP A 318 27.70 -22.95 5.54
N ILE A 319 26.75 -22.02 5.59
CA ILE A 319 26.04 -21.67 6.86
C ILE A 319 24.76 -22.50 7.05
N GLY A 320 24.19 -23.07 5.98
CA GLY A 320 22.93 -23.81 6.02
C GLY A 320 21.72 -22.91 5.79
N ALA A 321 20.70 -23.41 5.08
CA ALA A 321 19.48 -22.63 4.72
C ALA A 321 18.72 -22.25 5.98
N GLU A 322 18.74 -23.10 7.01
CA GLU A 322 17.98 -22.87 8.27
C GLU A 322 18.27 -21.46 8.80
N SER A 323 19.54 -21.04 8.83
CA SER A 323 19.98 -19.71 9.37
C SER A 323 19.37 -18.57 8.53
N ILE A 324 19.33 -18.75 7.20
CA ILE A 324 18.80 -17.72 6.26
C ILE A 324 17.28 -17.64 6.43
N TYR A 325 16.62 -18.80 6.41
CA TYR A 325 15.14 -18.94 6.56
C TYR A 325 14.70 -18.22 7.83
N SER A 326 15.44 -18.40 8.92
CA SER A 326 15.09 -17.85 10.25
C SER A 326 15.15 -16.32 10.22
N VAL A 327 16.19 -15.73 9.63
CA VAL A 327 16.32 -14.24 9.45
C VAL A 327 15.15 -13.76 8.58
N MET A 328 14.87 -14.45 7.50
CA MET A 328 13.80 -13.99 6.58
C MET A 328 12.43 -14.03 7.26
N GLN A 329 12.14 -15.12 7.98
CA GLN A 329 10.92 -15.25 8.82
C GLN A 329 10.88 -14.13 9.87
N GLN A 330 11.97 -13.91 10.59
CA GLN A 330 12.02 -12.90 11.70
C GLN A 330 11.82 -11.47 11.20
N VAL A 331 12.20 -11.13 9.97
CA VAL A 331 11.99 -9.76 9.42
C VAL A 331 10.63 -9.68 8.71
N GLY A 332 9.86 -10.78 8.71
CA GLY A 332 8.42 -10.78 8.38
C GLY A 332 8.09 -11.23 6.97
N LEU A 333 9.07 -11.77 6.24
CA LEU A 333 8.87 -12.17 4.82
C LEU A 333 7.91 -13.35 4.80
N GLY A 334 6.89 -13.29 3.93
CA GLY A 334 5.89 -14.37 3.83
C GLY A 334 5.03 -14.52 5.05
N GLN A 335 4.87 -13.46 5.85
CA GLN A 335 4.08 -13.45 7.12
CA GLN A 335 4.05 -13.46 7.10
C GLN A 335 3.01 -12.35 7.05
N ASP A 336 1.90 -12.52 7.79
CA ASP A 336 0.82 -11.53 7.99
C ASP A 336 1.44 -10.21 8.47
N THR A 337 1.03 -9.09 7.89
CA THR A 337 1.53 -7.72 8.24
C THR A 337 0.80 -7.23 9.48
N GLY A 338 -0.37 -7.80 9.75
CA GLY A 338 -1.27 -7.44 10.85
C GLY A 338 -2.04 -6.17 10.55
N LEU A 339 -2.00 -5.64 9.34
CA LEU A 339 -2.62 -4.34 9.00
C LEU A 339 -4.13 -4.50 8.73
N GLY A 340 -4.62 -5.73 8.54
CA GLY A 340 -6.06 -6.02 8.41
C GLY A 340 -6.71 -5.31 7.24
N PHE A 341 -6.01 -5.13 6.12
CA PHE A 341 -6.55 -4.50 4.88
C PHE A 341 -7.19 -5.59 4.03
N PRO A 342 -8.16 -5.20 3.18
CA PRO A 342 -9.08 -6.14 2.54
C PRO A 342 -8.41 -7.27 1.74
N GLY A 343 -7.63 -6.90 0.73
CA GLY A 343 -7.09 -7.86 -0.25
C GLY A 343 -5.79 -8.50 0.19
N GLU A 344 -5.15 -8.06 1.27
CA GLU A 344 -3.67 -8.19 1.36
C GLU A 344 -3.27 -9.68 1.31
N ARG A 345 -2.23 -9.96 0.52
CA ARG A 345 -1.62 -11.31 0.34
C ARG A 345 -0.39 -11.40 1.25
N VAL A 346 -0.15 -12.59 1.81
CA VAL A 346 0.98 -12.80 2.78
C VAL A 346 2.17 -13.37 2.02
N GLY A 347 1.98 -13.87 0.80
CA GLY A 347 3.05 -14.50 0.02
C GLY A 347 3.44 -15.84 0.63
N ASN A 348 4.72 -16.24 0.52
CA ASN A 348 5.14 -17.63 0.82
C ASN A 348 6.65 -17.65 1.12
N LEU A 349 7.00 -18.04 2.34
CA LEU A 349 8.39 -18.37 2.74
C LEU A 349 8.40 -19.86 2.99
N PRO A 350 8.84 -20.66 2.00
CA PRO A 350 8.72 -22.11 2.11
C PRO A 350 9.70 -22.63 3.16
N ASN A 351 9.25 -23.62 3.95
CA ASN A 351 10.10 -24.31 4.95
C ASN A 351 10.30 -25.77 4.53
N HIS A 352 11.38 -26.35 5.03
CA HIS A 352 11.82 -27.74 4.78
C HIS A 352 12.37 -28.30 6.07
N ARG A 353 12.34 -29.63 6.20
CA ARG A 353 13.13 -30.36 7.22
C ARG A 353 14.57 -30.43 6.68
N LYS A 354 14.70 -31.03 5.50
CA LYS A 354 15.98 -31.20 4.77
C LYS A 354 16.01 -30.19 3.62
N TRP A 355 16.90 -29.21 3.71
CA TRP A 355 17.18 -28.23 2.62
C TRP A 355 18.25 -28.78 1.71
N PRO A 356 17.86 -29.32 0.53
CA PRO A 356 18.84 -29.63 -0.50
C PRO A 356 19.57 -28.36 -0.95
N LYS A 357 20.66 -28.58 -1.67
CA LYS A 357 21.52 -27.53 -2.27
C LYS A 357 20.70 -26.59 -3.16
N ALA A 358 19.82 -27.10 -4.01
CA ALA A 358 19.09 -26.25 -4.99
C ALA A 358 18.19 -25.25 -4.22
N GLU A 359 17.41 -25.75 -3.26
CA GLU A 359 16.42 -24.94 -2.50
C GLU A 359 17.18 -24.00 -1.57
N THR A 360 18.35 -24.42 -1.08
CA THR A 360 19.23 -23.61 -0.21
C THR A 360 19.68 -22.38 -1.02
N ALA A 361 20.16 -22.61 -2.25
CA ALA A 361 20.72 -21.58 -3.14
C ALA A 361 19.59 -20.64 -3.54
N THR A 362 18.45 -21.18 -4.02
CA THR A 362 17.32 -20.36 -4.52
C THR A 362 16.77 -19.47 -3.40
N LEU A 363 16.68 -19.98 -2.17
CA LEU A 363 16.24 -19.13 -1.02
C LEU A 363 17.24 -17.99 -0.83
N ALA A 364 18.55 -18.30 -0.88
CA ALA A 364 19.66 -17.36 -0.59
C ALA A 364 19.65 -16.19 -1.59
N TYR A 365 19.36 -16.44 -2.86
CA TYR A 365 19.34 -15.37 -3.89
C TYR A 365 17.91 -14.96 -4.24
N GLY A 366 16.94 -15.33 -3.41
CA GLY A 366 15.60 -14.70 -3.38
C GLY A 366 14.62 -15.21 -4.42
N TYR A 367 14.74 -16.44 -4.94
CA TYR A 367 13.66 -17.08 -5.75
C TYR A 367 12.97 -18.16 -4.93
N GLY A 368 13.49 -18.45 -3.75
CA GLY A 368 12.90 -19.46 -2.88
C GLY A 368 11.71 -18.97 -2.08
N LEU A 369 11.00 -17.93 -2.55
CA LEU A 369 9.94 -17.26 -1.73
C LEU A 369 9.24 -16.16 -2.55
N SER A 370 8.10 -15.70 -2.07
CA SER A 370 7.37 -14.56 -2.68
C SER A 370 6.86 -13.63 -1.58
N VAL A 371 6.98 -12.34 -1.84
CA VAL A 371 6.72 -11.26 -0.84
C VAL A 371 5.94 -10.14 -1.53
N THR A 372 5.41 -9.22 -0.75
CA THR A 372 4.73 -7.98 -1.21
C THR A 372 5.73 -6.84 -1.00
N ALA A 373 5.51 -5.69 -1.66
CA ALA A 373 6.37 -4.52 -1.50
C ALA A 373 6.37 -4.05 -0.04
N ILE A 374 5.22 -4.15 0.63
CA ILE A 374 5.02 -3.77 2.05
C ILE A 374 5.89 -4.69 2.91
N GLN A 375 5.84 -6.03 2.74
CA GLN A 375 6.72 -6.94 3.53
C GLN A 375 8.18 -6.60 3.27
N LEU A 376 8.54 -6.36 2.01
CA LEU A 376 9.95 -6.06 1.69
C LEU A 376 10.38 -4.77 2.37
N ALA A 377 9.54 -3.71 2.33
CA ALA A 377 9.85 -2.43 3.00
C ALA A 377 10.03 -2.68 4.50
N HIS A 378 9.12 -3.47 5.09
CA HIS A 378 9.10 -3.77 6.54
C HIS A 378 10.39 -4.47 6.91
N ALA A 379 10.86 -5.41 6.09
CA ALA A 379 12.13 -6.14 6.33
C ALA A 379 13.30 -5.16 6.26
N TYR A 380 13.31 -4.27 5.25
CA TYR A 380 14.36 -3.23 5.12
C TYR A 380 14.29 -2.27 6.31
N ALA A 381 13.09 -1.94 6.81
CA ALA A 381 12.97 -1.07 8.00
C ALA A 381 13.68 -1.71 9.20
N ALA A 382 13.52 -3.01 9.43
CA ALA A 382 14.15 -3.72 10.57
C ALA A 382 15.67 -3.62 10.46
N LEU A 383 16.20 -3.89 9.29
CA LEU A 383 17.66 -3.83 9.02
C LEU A 383 18.17 -2.39 9.24
N ALA A 384 17.40 -1.39 8.76
CA ALA A 384 17.73 0.05 8.89
C ALA A 384 17.66 0.49 10.36
N ASN A 385 16.75 -0.11 11.11
CA ASN A 385 16.49 0.26 12.54
C ASN A 385 17.46 -0.52 13.42
N ASP A 386 18.72 -0.62 13.00
CA ASP A 386 19.80 -1.41 13.66
C ASP A 386 19.30 -2.80 14.10
N GLY A 387 18.47 -3.44 13.28
CA GLY A 387 18.09 -4.85 13.47
C GLY A 387 16.85 -5.04 14.31
N LYS A 388 16.17 -3.96 14.70
CA LYS A 388 14.94 -4.05 15.52
C LYS A 388 13.68 -3.87 14.64
N SER A 389 12.83 -4.90 14.61
CA SER A 389 11.54 -4.89 13.89
C SER A 389 10.53 -4.16 14.78
N VAL A 390 9.66 -3.39 14.14
CA VAL A 390 8.55 -2.63 14.78
C VAL A 390 7.35 -2.97 13.93
N PRO A 391 6.20 -3.29 14.55
CA PRO A 391 5.00 -3.59 13.78
C PRO A 391 4.68 -2.45 12.80
N LEU A 392 4.28 -2.84 11.60
CA LEU A 392 3.75 -1.94 10.56
C LEU A 392 2.54 -1.22 11.12
N SER A 393 2.40 0.05 10.78
CA SER A 393 1.20 0.83 11.11
C SER A 393 0.79 1.70 9.93
N MET A 394 -0.50 1.74 9.64
CA MET A 394 -1.11 2.70 8.68
C MET A 394 -1.75 3.85 9.47
N THR A 395 -1.64 3.86 10.79
CA THR A 395 -2.18 4.95 11.65
C THR A 395 -1.03 5.65 12.38
N ARG A 396 -1.21 6.93 12.69
CA ARG A 396 -0.15 7.72 13.36
C ARG A 396 0.24 7.01 14.66
N VAL A 397 1.54 6.75 14.85
CA VAL A 397 2.12 6.15 16.07
C VAL A 397 2.62 7.29 16.97
N ASP A 398 2.05 7.40 18.16
CA ASP A 398 2.44 8.40 19.19
C ASP A 398 3.40 7.71 20.17
N ARG A 399 3.07 6.51 20.60
CA ARG A 399 3.90 5.68 21.48
C ARG A 399 4.45 4.53 20.66
N VAL A 400 5.76 4.51 20.45
CA VAL A 400 6.41 3.47 19.61
C VAL A 400 6.40 2.16 20.37
N PRO A 401 5.84 1.05 19.82
CA PRO A 401 5.95 -0.25 20.46
C PRO A 401 7.42 -0.64 20.70
N ASP A 402 7.68 -1.53 21.67
CA ASP A 402 9.04 -2.09 21.88
C ASP A 402 9.36 -2.89 20.62
N GLY A 403 10.56 -2.77 20.10
CA GLY A 403 10.83 -3.59 18.90
C GLY A 403 11.06 -5.02 19.30
N VAL A 404 11.21 -5.91 18.33
CA VAL A 404 11.93 -7.19 18.56
C VAL A 404 13.32 -7.03 17.94
N GLN A 405 14.38 -7.32 18.71
CA GLN A 405 15.76 -7.37 18.17
C GLN A 405 15.87 -8.64 17.35
N VAL A 406 15.74 -8.58 16.01
CA VAL A 406 15.69 -9.81 15.18
C VAL A 406 17.06 -10.04 14.54
N ILE A 407 17.84 -8.98 14.31
CA ILE A 407 19.24 -9.04 13.84
C ILE A 407 20.06 -8.25 14.87
N SER A 408 21.19 -8.79 15.31
CA SER A 408 22.09 -8.12 16.28
C SER A 408 22.41 -6.73 15.73
N PRO A 409 22.41 -5.69 16.59
CA PRO A 409 22.79 -4.35 16.14
C PRO A 409 24.12 -4.30 15.36
N GLU A 410 25.09 -5.11 15.74
CA GLU A 410 26.42 -5.10 15.09
C GLU A 410 26.30 -5.68 13.67
N VAL A 411 25.61 -6.80 13.50
CA VAL A 411 25.37 -7.37 12.14
C VAL A 411 24.62 -6.34 11.29
N ALA A 412 23.55 -5.75 11.84
CA ALA A 412 22.68 -4.81 11.11
C ALA A 412 23.56 -3.65 10.66
N SER A 413 24.38 -3.14 11.56
CA SER A 413 25.33 -2.05 11.24
C SER A 413 26.28 -2.47 10.10
N THR A 414 26.89 -3.65 10.18
CA THR A 414 27.81 -4.16 9.14
C THR A 414 27.08 -4.25 7.80
N VAL A 415 25.87 -4.82 7.79
CA VAL A 415 25.09 -4.98 6.54
C VAL A 415 24.67 -3.61 6.00
N GLN A 416 24.26 -2.66 6.85
CA GLN A 416 24.04 -1.25 6.43
C GLN A 416 25.25 -0.72 5.64
N GLY A 417 26.45 -0.90 6.18
CA GLY A 417 27.69 -0.37 5.57
C GLY A 417 27.92 -1.02 4.22
N MET A 418 27.64 -2.31 4.12
CA MET A 418 27.80 -3.05 2.85
C MET A 418 26.85 -2.45 1.82
N LEU A 419 25.59 -2.25 2.21
CA LEU A 419 24.56 -1.67 1.32
C LEU A 419 24.91 -0.24 0.96
N GLN A 420 25.54 0.54 1.83
CA GLN A 420 26.03 1.90 1.45
C GLN A 420 27.05 1.76 0.31
N GLN A 421 28.03 0.86 0.45
CA GLN A 421 29.03 0.50 -0.59
C GLN A 421 28.32 0.03 -1.86
N VAL A 422 27.26 -0.75 -1.75
CA VAL A 422 26.50 -1.17 -2.97
C VAL A 422 26.11 0.08 -3.77
N VAL A 423 25.67 1.14 -3.10
CA VAL A 423 25.12 2.35 -3.78
C VAL A 423 26.30 3.24 -4.25
N GLU A 424 27.38 3.29 -3.47
CA GLU A 424 28.43 4.35 -3.54
C GLU A 424 29.73 3.83 -4.15
N ALA A 425 30.10 2.56 -3.95
CA ALA A 425 31.40 1.99 -4.41
C ALA A 425 31.46 2.02 -5.95
N GLN A 426 32.67 1.97 -6.51
CA GLN A 426 32.89 1.81 -7.98
C GLN A 426 32.29 0.46 -8.40
N GLY A 427 31.51 0.45 -9.50
CA GLY A 427 30.78 -0.75 -9.99
C GLY A 427 29.38 -0.88 -9.39
N GLY A 428 29.01 0.04 -8.49
CA GLY A 428 27.76 0.02 -7.70
C GLY A 428 26.61 0.77 -8.36
N VAL A 429 25.45 0.77 -7.71
CA VAL A 429 24.19 1.39 -8.21
C VAL A 429 24.27 2.90 -7.97
N PHE A 430 24.95 3.65 -8.85
CA PHE A 430 25.21 5.10 -8.70
C PHE A 430 23.89 5.89 -8.82
N ARG A 431 22.95 5.43 -9.65
CA ARG A 431 21.61 6.04 -9.87
C ARG A 431 20.76 6.08 -8.59
N ALA A 432 21.04 5.24 -7.59
CA ALA A 432 20.33 5.23 -6.29
C ALA A 432 20.92 6.31 -5.38
N GLN A 433 22.05 6.90 -5.74
CA GLN A 433 22.71 7.89 -4.88
C GLN A 433 21.71 9.02 -4.63
N VAL A 434 21.69 9.53 -3.42
CA VAL A 434 20.69 10.53 -2.98
C VAL A 434 21.43 11.86 -2.88
N PRO A 435 21.08 12.84 -3.74
CA PRO A 435 21.76 14.14 -3.71
C PRO A 435 21.55 14.74 -2.32
N GLY A 436 22.64 14.99 -1.60
CA GLY A 436 22.61 15.52 -0.22
C GLY A 436 23.09 14.53 0.82
N TYR A 437 22.84 13.22 0.64
CA TYR A 437 22.97 12.19 1.72
C TYR A 437 23.65 10.91 1.22
N HIS A 438 24.24 10.17 2.16
CA HIS A 438 24.61 8.72 2.08
C HIS A 438 23.34 7.86 2.15
N ALA A 439 23.10 7.08 1.10
CA ALA A 439 22.01 6.09 1.01
C ALA A 439 22.58 4.67 0.87
N ALA A 440 21.74 3.68 1.16
CA ALA A 440 22.07 2.25 1.14
C ALA A 440 20.88 1.50 0.52
N GLY A 441 21.15 0.46 -0.24
CA GLY A 441 20.06 -0.32 -0.86
C GLY A 441 20.57 -1.40 -1.80
N LYS A 442 19.65 -2.14 -2.40
CA LYS A 442 19.96 -3.23 -3.32
C LYS A 442 18.88 -3.22 -4.37
N SER A 443 19.28 -3.29 -5.64
CA SER A 443 18.35 -3.43 -6.77
C SER A 443 18.03 -4.92 -6.91
N GLY A 444 16.93 -5.25 -7.57
CA GLY A 444 16.62 -6.63 -7.98
C GLY A 444 15.77 -6.66 -9.24
N THR A 445 15.70 -7.82 -9.88
CA THR A 445 14.90 -8.08 -11.10
C THR A 445 14.14 -9.38 -10.80
N ALA A 446 12.81 -9.32 -10.78
CA ALA A 446 11.95 -10.50 -10.56
C ALA A 446 11.18 -10.81 -11.85
N ARG A 447 11.64 -11.84 -12.60
CA ARG A 447 10.97 -12.35 -13.84
C ARG A 447 9.58 -12.87 -13.46
N LYS A 448 8.54 -12.49 -14.22
CA LYS A 448 7.10 -12.74 -13.92
C LYS A 448 6.85 -14.24 -13.71
N ASN A 459 9.67 -12.80 -20.80
CA ASN A 459 10.56 -11.63 -20.59
C ASN A 459 9.78 -10.43 -20.02
N ALA A 460 8.65 -10.68 -19.35
CA ALA A 460 7.93 -9.75 -18.45
C ALA A 460 8.57 -9.83 -17.06
N TYR A 461 8.84 -8.69 -16.42
CA TYR A 461 9.49 -8.68 -15.08
C TYR A 461 9.11 -7.42 -14.29
N ARG A 462 9.47 -7.44 -13.00
CA ARG A 462 9.41 -6.27 -12.09
C ARG A 462 10.82 -5.79 -11.80
N SER A 463 11.04 -4.51 -11.94
CA SER A 463 12.29 -3.87 -11.52
C SER A 463 12.11 -3.44 -10.06
N LEU A 464 13.06 -3.81 -9.19
CA LEU A 464 12.97 -3.57 -7.72
C LEU A 464 14.12 -2.67 -7.31
N PHE A 465 13.84 -1.84 -6.32
CA PHE A 465 14.89 -1.22 -5.51
C PHE A 465 14.38 -1.08 -4.08
N ALA A 466 15.22 -1.44 -3.14
CA ALA A 466 14.92 -1.45 -1.69
C ALA A 466 16.11 -0.84 -0.98
N GLY A 467 15.85 0.15 -0.15
CA GLY A 467 16.93 0.84 0.53
C GLY A 467 16.44 1.71 1.66
N PHE A 468 17.37 2.46 2.23
CA PHE A 468 17.09 3.34 3.38
C PHE A 468 18.15 4.43 3.39
N ALA A 469 17.86 5.49 4.14
CA ALA A 469 18.74 6.65 4.29
C ALA A 469 18.32 7.39 5.55
N PRO A 470 19.22 8.19 6.15
CA PRO A 470 20.63 8.25 5.75
C PRO A 470 21.36 6.96 6.15
N ALA A 471 22.36 6.53 5.36
CA ALA A 471 22.99 5.19 5.45
C ALA A 471 23.59 4.97 6.84
N THR A 472 24.17 6.03 7.42
CA THR A 472 24.97 5.97 8.66
C THR A 472 24.07 6.10 9.90
N ASP A 473 22.82 6.54 9.71
CA ASP A 473 21.84 6.82 10.79
C ASP A 473 20.42 6.75 10.24
N PRO A 474 19.96 5.57 9.79
CA PRO A 474 18.74 5.49 8.98
C PRO A 474 17.44 6.01 9.60
N ARG A 475 16.63 6.66 8.78
CA ARG A 475 15.35 7.25 9.21
C ARG A 475 14.22 6.64 8.40
N ILE A 476 14.42 6.45 7.08
CA ILE A 476 13.40 6.08 6.08
C ILE A 476 13.86 4.83 5.33
N ALA A 477 12.96 3.87 5.13
CA ALA A 477 13.14 2.71 4.25
C ALA A 477 12.18 2.91 3.08
N MET A 478 12.55 2.45 1.91
CA MET A 478 11.71 2.68 0.72
C MET A 478 11.82 1.47 -0.19
N VAL A 479 10.70 1.09 -0.79
CA VAL A 479 10.68 0.06 -1.86
C VAL A 479 10.01 0.68 -3.09
N VAL A 480 10.67 0.53 -4.24
CA VAL A 480 10.09 0.90 -5.56
C VAL A 480 9.92 -0.38 -6.38
N VAL A 481 8.72 -0.64 -6.88
CA VAL A 481 8.41 -1.75 -7.83
C VAL A 481 7.93 -1.14 -9.15
N ILE A 482 8.63 -1.41 -10.26
CA ILE A 482 8.18 -0.99 -11.63
C ILE A 482 7.84 -2.26 -12.39
N ASP A 483 6.59 -2.40 -12.76
CA ASP A 483 6.02 -3.64 -13.32
C ASP A 483 6.19 -3.56 -14.84
N GLU A 484 6.97 -4.48 -15.43
CA GLU A 484 7.21 -4.60 -16.89
C GLU A 484 7.67 -3.26 -17.47
N PRO A 485 8.87 -2.78 -17.11
CA PRO A 485 9.45 -1.63 -17.80
C PRO A 485 9.64 -2.08 -19.26
N SER A 486 9.10 -1.32 -20.23
CA SER A 486 9.02 -1.73 -21.66
C SER A 486 9.97 -0.89 -22.54
N LYS A 487 11.05 -0.34 -21.95
CA LYS A 487 12.14 0.39 -22.64
C LYS A 487 13.46 -0.39 -22.48
N ALA A 488 14.48 -0.05 -23.27
CA ALA A 488 15.81 -0.72 -23.35
C ALA A 488 16.30 -1.11 -21.94
N GLY A 489 16.47 -0.11 -21.07
CA GLY A 489 16.90 -0.27 -19.66
C GLY A 489 16.16 -1.41 -18.98
N TYR A 490 16.91 -2.38 -18.45
CA TYR A 490 16.40 -3.68 -17.96
C TYR A 490 16.25 -3.64 -16.43
N PHE A 491 17.38 -3.63 -15.72
CA PHE A 491 17.55 -4.04 -14.31
C PHE A 491 16.90 -3.04 -13.35
N GLY A 492 16.75 -3.47 -12.08
CA GLY A 492 16.46 -2.61 -10.91
C GLY A 492 17.44 -1.44 -10.77
N GLY A 493 18.68 -1.62 -11.24
CA GLY A 493 19.81 -0.72 -10.98
C GLY A 493 19.78 0.52 -11.86
N LEU A 494 18.91 0.54 -12.89
CA LEU A 494 18.73 1.78 -13.70
C LEU A 494 17.24 2.14 -13.86
N VAL A 495 16.30 1.23 -13.58
CA VAL A 495 14.84 1.48 -13.76
C VAL A 495 14.25 2.00 -12.44
N SER A 496 14.50 1.29 -11.33
CA SER A 496 13.87 1.59 -10.01
C SER A 496 14.76 2.54 -9.24
N ALA A 497 16.08 2.42 -9.38
CA ALA A 497 17.07 3.14 -8.54
C ALA A 497 16.93 4.65 -8.65
N PRO A 498 16.69 5.25 -9.84
CA PRO A 498 16.60 6.71 -9.93
C PRO A 498 15.36 7.28 -9.23
N VAL A 499 14.24 6.53 -9.23
CA VAL A 499 12.97 6.87 -8.52
C VAL A 499 13.26 6.93 -7.00
N PHE A 500 13.99 5.95 -6.48
CA PHE A 500 14.42 5.90 -5.05
C PHE A 500 15.25 7.14 -4.75
N SER A 501 16.22 7.47 -5.60
CA SER A 501 17.02 8.72 -5.50
C SER A 501 16.14 9.96 -5.27
N LYS A 502 15.20 10.25 -6.19
CA LYS A 502 14.42 11.51 -6.20
C LYS A 502 13.44 11.52 -5.01
N VAL A 503 12.74 10.41 -4.78
CA VAL A 503 11.69 10.35 -3.73
C VAL A 503 12.36 10.39 -2.35
N MET A 504 13.50 9.73 -2.20
CA MET A 504 14.26 9.74 -0.93
C MET A 504 14.83 11.14 -0.66
N ALA A 505 15.43 11.80 -1.65
CA ALA A 505 15.97 13.16 -1.47
C ALA A 505 14.84 14.06 -0.92
N GLY A 506 13.65 13.99 -1.56
CA GLY A 506 12.43 14.74 -1.24
C GLY A 506 11.87 14.40 0.14
N ALA A 507 11.70 13.11 0.44
CA ALA A 507 11.17 12.61 1.74
C ALA A 507 12.10 13.06 2.89
N LEU A 508 13.43 12.91 2.77
CA LEU A 508 14.39 13.29 3.83
C LEU A 508 14.31 14.80 4.11
N ARG A 509 14.17 15.63 3.07
CA ARG A 509 14.13 17.10 3.27
CA ARG A 509 14.13 17.10 3.28
C ARG A 509 12.76 17.52 3.81
N LEU A 510 11.67 16.88 3.37
CA LEU A 510 10.33 17.20 3.90
C LEU A 510 10.28 16.88 5.39
N MET A 511 11.12 15.95 5.85
CA MET A 511 11.17 15.50 7.26
C MET A 511 12.32 16.16 8.02
N ASN A 512 12.94 17.16 7.40
CA ASN A 512 14.02 18.02 7.96
C ASN A 512 15.13 17.10 8.48
N VAL A 513 15.36 15.98 7.81
CA VAL A 513 16.51 15.09 8.16
C VAL A 513 17.76 15.81 7.70
N PRO A 514 18.76 16.04 8.59
CA PRO A 514 19.96 16.78 8.23
C PRO A 514 20.82 16.01 7.23
N PRO A 515 21.28 16.66 6.12
CA PRO A 515 22.25 16.06 5.21
C PRO A 515 23.48 15.52 5.94
N ASP A 516 23.87 14.28 5.63
CA ASP A 516 25.14 13.60 6.01
C ASP A 516 26.01 13.53 4.74
#